data_3U6Q
#
_entry.id   3U6Q
#
_cell.length_a   45.188
_cell.length_b   93.541
_cell.length_c   104.650
_cell.angle_alpha   90.00
_cell.angle_beta   90.00
_cell.angle_gamma   90.00
#
_symmetry.space_group_name_H-M   'P 21 21 21'
#
loop_
_entity.id
_entity.type
_entity.pdbx_description
1 polymer 'Formamidopyrimidine-DNA glycosylase'
2 polymer "DNA (5'-D(*AP*GP*GP*TP*AP*GP*AP*CP*CP*TP*GP*GP*AP*CP*GP*C)-3')"
3 polymer "DNA (5'-D(*TP*GP*CP*GP*TP*CP*CP*AP*(8OG)P*GP*TP*(CX2)P*TP*AP*CP*C)-3')"
4 non-polymer 'ZINC ION'
5 water water
#
loop_
_entity_poly.entity_id
_entity_poly.type
_entity_poly.pdbx_seq_one_letter_code
_entity_poly.pdbx_strand_id
1 'polypeptide(L)'
;PQLPEVETIRRTLLPLIVGKTIEDVRIFWPNIIRHPRDSEAFAARMIGQTVRGLERRGKFLKFLLDRDALISHLRMEGRY
AVASALEPLEPHTHVVFCFTDGSELRYRDVRKFGTMHVYAKEEADRRPPLAELGPEPLSPAFSPAVLAERAVKTKRSVKA
LLLDCTVVAGFGNIYVDESLFRAGILPGRPAASLSSKEIERLHEEMVATIGEAVMKGGSTPRTYVNTQGEAGTFQHHLYV
YGRQGNPCKRCGTPIEKTVVAGRGTHYCPRCQR
;
A
2 'polydeoxyribonucleotide' (DA)(DG)(DG)(DT)(DA)(DG)(DA)(DC)(DC)(DT)(DG)(DG)(DA)(DC)(DG)(DC) B
3 'polydeoxyribonucleotide' (DT)(DG)(DC)(DG)(DT)(DC)(DC)(DA)(8OG)(DG)(DT)(CX2)(DT)(DA)(DC)(DC) C
#
loop_
_chem_comp.id
_chem_comp.type
_chem_comp.name
_chem_comp.formula
8OG DNA linking 8-OXO-2'-DEOXY-GUANOSINE-5'-MONOPHOSPHATE 'C10 H14 N5 O8 P'
CX2 DNA linking 2'-deoxy-5'-O-{(R)-hydroxy[(2-sulfanylethyl)amino]phosphoryl}cytidine 'C11 H19 N4 O6 P S'
DA DNA linking 2'-DEOXYADENOSINE-5'-MONOPHOSPHATE 'C10 H14 N5 O6 P'
DC DNA linking 2'-DEOXYCYTIDINE-5'-MONOPHOSPHATE 'C9 H14 N3 O7 P'
DG DNA linking 2'-DEOXYGUANOSINE-5'-MONOPHOSPHATE 'C10 H14 N5 O7 P'
DT DNA linking THYMIDINE-5'-MONOPHOSPHATE 'C10 H15 N2 O8 P'
ZN non-polymer 'ZINC ION' 'Zn 2'
#
# COMPACT_ATOMS: atom_id res chain seq x y z
N PRO A 1 -5.51 -3.79 -2.22
CA PRO A 1 -4.56 -3.92 -3.32
C PRO A 1 -3.11 -3.77 -2.88
N GLN A 2 -2.21 -4.44 -3.59
CA GLN A 2 -0.78 -4.37 -3.30
C GLN A 2 -0.15 -3.17 -3.98
N LEU A 3 1.06 -2.78 -3.56
CA LEU A 3 1.74 -1.62 -4.13
C LEU A 3 1.71 -1.56 -5.66
N PRO A 4 2.05 -2.66 -6.33
CA PRO A 4 1.98 -2.61 -7.80
C PRO A 4 0.57 -2.36 -8.31
N GLU A 5 -0.44 -2.85 -7.60
CA GLU A 5 -1.83 -2.60 -7.99
C GLU A 5 -2.18 -1.12 -7.77
N VAL A 6 -1.76 -0.59 -6.64
CA VAL A 6 -1.97 0.84 -6.34
C VAL A 6 -1.30 1.71 -7.40
N GLU A 7 -0.11 1.31 -7.84
CA GLU A 7 0.57 2.05 -8.89
C GLU A 7 -0.21 2.01 -10.20
N THR A 8 -0.87 0.89 -10.46
CA THR A 8 -1.71 0.77 -11.65
C THR A 8 -2.91 1.70 -11.51
N ILE A 9 -3.52 1.69 -10.34
CA ILE A 9 -4.65 2.57 -10.06
C ILE A 9 -4.25 4.03 -10.28
N ARG A 10 -3.10 4.42 -9.74
CA ARG A 10 -2.60 5.78 -9.89
C ARG A 10 -2.50 6.17 -11.35
N ARG A 11 -1.89 5.29 -12.14
CA ARG A 11 -1.62 5.58 -13.54
C ARG A 11 -2.90 5.71 -14.34
N THR A 12 -3.87 4.83 -14.07
CA THR A 12 -5.09 4.80 -14.86
C THR A 12 -6.11 5.84 -14.42
N LEU A 13 -6.16 6.11 -13.12
CA LEU A 13 -7.12 7.04 -12.56
C LEU A 13 -6.81 8.48 -12.96
N LEU A 14 -5.53 8.84 -12.99
CA LEU A 14 -5.12 10.23 -13.19
C LEU A 14 -5.75 10.94 -14.40
N PRO A 15 -5.62 10.34 -15.60
CA PRO A 15 -6.20 10.99 -16.78
C PRO A 15 -7.72 11.09 -16.69
N LEU A 16 -8.32 10.24 -15.88
CA LEU A 16 -9.77 10.25 -15.72
C LEU A 16 -10.27 11.36 -14.79
N ILE A 17 -9.35 11.98 -14.03
CA ILE A 17 -9.77 13.01 -13.09
C ILE A 17 -9.00 14.33 -13.17
N VAL A 18 -7.83 14.31 -13.81
CA VAL A 18 -7.00 15.51 -13.84
C VAL A 18 -7.74 16.68 -14.50
N GLY A 19 -7.63 17.87 -13.90
CA GLY A 19 -8.28 19.04 -14.45
C GLY A 19 -9.75 19.19 -14.09
N LYS A 20 -10.33 18.17 -13.49
CA LYS A 20 -11.74 18.26 -13.05
C LYS A 20 -11.87 19.03 -11.74
N THR A 21 -12.95 19.79 -11.60
CA THR A 21 -13.14 20.63 -10.43
C THR A 21 -14.23 20.02 -9.55
N ILE A 22 -13.95 19.89 -8.25
CA ILE A 22 -14.91 19.33 -7.29
C ILE A 22 -16.05 20.29 -7.00
N GLU A 23 -17.28 19.81 -7.15
CA GLU A 23 -18.46 20.62 -6.90
C GLU A 23 -19.17 20.13 -5.65
N ASP A 24 -18.97 18.86 -5.30
CA ASP A 24 -19.59 18.31 -4.11
C ASP A 24 -18.83 17.09 -3.63
N VAL A 25 -18.96 16.80 -2.33
CA VAL A 25 -18.36 15.60 -1.75
C VAL A 25 -19.41 14.94 -0.87
N ARG A 26 -19.73 13.69 -1.18
CA ARG A 26 -20.77 12.98 -0.43
C ARG A 26 -20.19 11.82 0.35
N ILE A 27 -20.55 11.73 1.62
CA ILE A 27 -19.94 10.76 2.52
C ILE A 27 -21.02 9.91 3.19
N PHE A 28 -20.95 8.60 2.97
CA PHE A 28 -21.97 7.69 3.47
C PHE A 28 -21.48 6.84 4.63
N TRP A 29 -20.18 6.90 4.88
CA TRP A 29 -19.58 6.28 6.06
C TRP A 29 -18.46 7.17 6.59
N PRO A 30 -18.81 8.08 7.52
CA PRO A 30 -17.92 9.13 8.03
C PRO A 30 -16.60 8.58 8.57
N ASN A 31 -16.64 7.39 9.16
CA ASN A 31 -15.46 6.78 9.77
C ASN A 31 -14.26 6.60 8.84
N ILE A 32 -14.52 6.58 7.53
CA ILE A 32 -13.44 6.52 6.55
C ILE A 32 -12.57 7.78 6.63
N ILE A 33 -13.21 8.92 6.87
CA ILE A 33 -12.50 10.19 6.98
C ILE A 33 -11.78 10.29 8.33
N ARG A 34 -10.46 10.44 8.29
CA ARG A 34 -9.66 10.48 9.51
C ARG A 34 -9.12 11.88 9.81
N HIS A 35 -8.97 12.69 8.76
CA HIS A 35 -8.60 14.10 8.93
C HIS A 35 -9.07 14.95 7.77
N PRO A 36 -9.67 16.12 8.08
CA PRO A 36 -10.01 16.55 9.43
C PRO A 36 -10.98 15.57 10.11
N ARG A 37 -11.06 15.64 11.44
CA ARG A 37 -11.87 14.71 12.21
C ARG A 37 -13.34 14.77 11.80
N ASP A 38 -13.83 15.98 11.60
CA ASP A 38 -15.21 16.22 11.16
C ASP A 38 -15.34 16.00 9.65
N SER A 39 -16.12 15.00 9.26
CA SER A 39 -16.27 14.69 7.84
C SER A 39 -16.92 15.83 7.06
N GLU A 40 -17.66 16.69 7.75
CA GLU A 40 -18.28 17.85 7.10
C GLU A 40 -17.22 18.90 6.72
N ALA A 41 -16.19 19.04 7.55
CA ALA A 41 -15.07 19.92 7.23
C ALA A 41 -14.28 19.35 6.06
N PHE A 42 -14.08 18.04 6.07
CA PHE A 42 -13.42 17.32 4.97
C PHE A 42 -14.13 17.63 3.65
N ALA A 43 -15.44 17.45 3.63
CA ALA A 43 -16.24 17.73 2.44
C ALA A 43 -16.16 19.21 2.02
N ALA A 44 -16.43 20.12 2.95
CA ALA A 44 -16.46 21.55 2.64
C ALA A 44 -15.16 22.07 2.02
N ARG A 45 -14.02 21.58 2.50
CA ARG A 45 -12.76 22.17 2.07
C ARG A 45 -12.37 21.77 0.65
N MET A 46 -12.82 20.60 0.22
CA MET A 46 -12.43 20.13 -1.11
CA MET A 46 -12.50 20.07 -1.11
C MET A 46 -13.26 20.78 -2.20
N ILE A 47 -14.44 21.27 -1.87
CA ILE A 47 -15.30 21.90 -2.87
C ILE A 47 -14.65 23.14 -3.50
N GLY A 48 -14.61 23.15 -4.83
CA GLY A 48 -14.05 24.28 -5.55
C GLY A 48 -12.62 24.02 -5.99
N GLN A 49 -12.01 22.97 -5.44
CA GLN A 49 -10.65 22.63 -5.83
C GLN A 49 -10.63 21.74 -7.07
N THR A 50 -9.59 21.94 -7.88
CA THR A 50 -9.38 21.19 -9.10
C THR A 50 -8.31 20.14 -8.87
N VAL A 51 -8.51 18.94 -9.43
CA VAL A 51 -7.49 17.89 -9.35
C VAL A 51 -6.31 18.23 -10.25
N ARG A 52 -5.11 18.27 -9.66
CA ARG A 52 -3.92 18.68 -10.41
C ARG A 52 -2.96 17.52 -10.64
N GLY A 53 -3.02 16.53 -9.76
CA GLY A 53 -2.11 15.41 -9.86
C GLY A 53 -2.52 14.24 -8.99
N LEU A 54 -1.87 13.11 -9.20
CA LEU A 54 -2.07 11.93 -8.39
C LEU A 54 -0.74 11.22 -8.24
N GLU A 55 -0.24 11.14 -7.02
CA GLU A 55 1.01 10.46 -6.75
C GLU A 55 0.76 9.27 -5.82
N ARG A 56 1.78 8.43 -5.66
CA ARG A 56 1.68 7.29 -4.77
C ARG A 56 2.87 7.25 -3.82
N ARG A 57 2.59 6.92 -2.56
CA ARG A 57 3.62 6.68 -1.57
CA ARG A 57 3.63 6.68 -1.57
C ARG A 57 3.30 5.39 -0.82
N GLY A 58 4.14 4.37 -1.02
CA GLY A 58 3.83 3.06 -0.48
C GLY A 58 2.53 2.60 -1.10
N LYS A 59 1.56 2.24 -0.26
CA LYS A 59 0.24 1.87 -0.76
C LYS A 59 -0.77 3.02 -0.65
N PHE A 60 -0.27 4.21 -0.29
CA PHE A 60 -1.11 5.41 -0.23
C PHE A 60 -1.19 6.12 -1.58
N LEU A 61 -2.38 6.56 -1.93
CA LEU A 61 -2.59 7.46 -3.06
C LEU A 61 -2.66 8.87 -2.55
N LYS A 62 -1.95 9.79 -3.20
CA LYS A 62 -2.00 11.19 -2.84
C LYS A 62 -2.58 12.03 -3.97
N PHE A 63 -3.86 12.37 -3.82
CA PHE A 63 -4.52 13.25 -4.77
C PHE A 63 -4.10 14.68 -4.50
N LEU A 64 -3.48 15.31 -5.49
CA LEU A 64 -3.08 16.71 -5.35
C LEU A 64 -4.14 17.62 -5.94
N LEU A 65 -4.67 18.51 -5.10
CA LEU A 65 -5.67 19.46 -5.57
C LEU A 65 -5.02 20.84 -5.69
N ASP A 66 -5.79 21.91 -5.49
CA ASP A 66 -5.23 23.26 -5.63
C ASP A 66 -4.44 23.64 -4.40
N ARG A 67 -5.08 23.52 -3.24
CA ARG A 67 -4.45 23.86 -1.98
C ARG A 67 -4.16 22.61 -1.14
N ASP A 68 -5.04 21.62 -1.24
CA ASP A 68 -4.95 20.44 -0.40
C ASP A 68 -4.41 19.20 -1.11
N ALA A 69 -3.98 18.24 -0.29
CA ALA A 69 -3.69 16.90 -0.77
C ALA A 69 -4.64 15.96 -0.05
N LEU A 70 -5.19 15.01 -0.79
CA LEU A 70 -6.03 13.97 -0.22
C LEU A 70 -5.27 12.64 -0.21
N ILE A 71 -5.01 12.14 0.99
CA ILE A 71 -4.25 10.90 1.19
C ILE A 71 -5.20 9.73 1.39
N SER A 72 -5.16 8.76 0.50
CA SER A 72 -6.12 7.67 0.53
C SER A 72 -5.44 6.29 0.60
N HIS A 73 -5.95 5.42 1.46
CA HIS A 73 -5.50 4.04 1.56
C HIS A 73 -6.68 3.09 1.37
N LEU A 74 -6.59 2.22 0.36
CA LEU A 74 -7.69 1.31 0.03
C LEU A 74 -7.69 0.05 0.90
N ARG A 75 -6.60 -0.18 1.63
CA ARG A 75 -6.41 -1.46 2.31
C ARG A 75 -6.47 -2.60 1.29
N MET A 76 -7.22 -3.65 1.62
CA MET A 76 -7.24 -4.85 0.76
C MET A 76 -8.35 -4.90 -0.28
N GLU A 77 -9.50 -4.29 0.01
CA GLU A 77 -10.65 -4.40 -0.89
C GLU A 77 -11.28 -3.06 -1.33
N GLY A 78 -10.69 -1.94 -0.93
CA GLY A 78 -11.15 -0.64 -1.42
C GLY A 78 -10.91 -0.49 -2.92
N ARG A 79 -11.77 0.25 -3.59
CA ARG A 79 -11.64 0.46 -5.03
C ARG A 79 -12.17 1.84 -5.44
N TYR A 80 -11.53 2.45 -6.43
CA TYR A 80 -11.99 3.70 -7.01
C TYR A 80 -12.57 3.51 -8.41
N ALA A 81 -13.62 4.24 -8.73
CA ALA A 81 -14.16 4.23 -10.08
C ALA A 81 -14.61 5.63 -10.47
N VAL A 82 -14.50 5.93 -11.76
CA VAL A 82 -14.99 7.20 -12.30
C VAL A 82 -16.20 6.91 -13.17
N ALA A 83 -17.30 7.59 -12.91
CA ALA A 83 -18.55 7.26 -13.60
C ALA A 83 -19.51 8.43 -13.58
N SER A 84 -20.60 8.30 -14.32
CA SER A 84 -21.58 9.36 -14.45
C SER A 84 -22.44 9.51 -13.19
N ALA A 85 -22.66 10.76 -12.78
CA ALA A 85 -23.56 11.04 -11.67
C ALA A 85 -24.98 10.61 -11.99
N LEU A 86 -25.27 10.32 -13.26
CA LEU A 86 -26.62 9.95 -13.66
C LEU A 86 -26.94 8.46 -13.42
N GLU A 87 -25.91 7.65 -13.20
CA GLU A 87 -26.11 6.21 -12.99
C GLU A 87 -26.13 5.86 -11.50
N PRO A 88 -26.84 4.78 -11.14
CA PRO A 88 -26.91 4.36 -9.73
C PRO A 88 -25.53 3.97 -9.19
N LEU A 89 -25.27 4.29 -7.93
CA LEU A 89 -24.04 3.87 -7.26
C LEU A 89 -23.96 2.35 -7.11
N GLU A 90 -22.76 1.81 -7.21
CA GLU A 90 -22.55 0.38 -6.93
C GLU A 90 -22.66 0.12 -5.43
N PRO A 91 -22.91 -1.13 -5.05
CA PRO A 91 -23.00 -1.47 -3.62
C PRO A 91 -21.72 -1.13 -2.86
N HIS A 92 -21.85 -0.73 -1.59
CA HIS A 92 -20.70 -0.48 -0.72
C HIS A 92 -19.90 0.76 -1.12
N THR A 93 -20.58 1.75 -1.69
CA THR A 93 -19.96 3.02 -2.05
C THR A 93 -20.03 3.95 -0.84
N HIS A 94 -18.87 4.37 -0.34
CA HIS A 94 -18.81 5.10 0.92
C HIS A 94 -18.47 6.58 0.77
N VAL A 95 -17.72 6.92 -0.26
CA VAL A 95 -17.35 8.32 -0.51
C VAL A 95 -17.44 8.60 -2.00
N VAL A 96 -18.03 9.73 -2.37
CA VAL A 96 -18.13 10.15 -3.77
C VAL A 96 -17.70 11.60 -3.95
N PHE A 97 -16.74 11.83 -4.85
CA PHE A 97 -16.36 13.19 -5.23
C PHE A 97 -17.03 13.55 -6.55
N CYS A 98 -17.92 14.54 -6.49
CA CYS A 98 -18.65 14.99 -7.67
C CYS A 98 -17.94 16.16 -8.36
N PHE A 99 -17.70 16.02 -9.67
CA PHE A 99 -17.03 17.07 -10.44
C PHE A 99 -18.04 17.89 -11.23
N THR A 100 -17.63 19.10 -11.65
CA THR A 100 -18.53 20.02 -12.33
C THR A 100 -18.95 19.53 -13.72
N ASP A 101 -18.31 18.48 -14.22
CA ASP A 101 -18.65 17.98 -15.55
C ASP A 101 -19.67 16.84 -15.54
N GLY A 102 -20.25 16.55 -14.37
CA GLY A 102 -21.25 15.49 -14.27
C GLY A 102 -20.68 14.10 -14.05
N SER A 103 -19.35 13.99 -13.95
CA SER A 103 -18.74 12.72 -13.59
C SER A 103 -18.42 12.71 -12.10
N GLU A 104 -18.13 11.51 -11.57
CA GLU A 104 -17.84 11.31 -10.15
C GLU A 104 -16.67 10.39 -9.95
N LEU A 105 -15.88 10.65 -8.92
CA LEU A 105 -14.91 9.68 -8.44
C LEU A 105 -15.52 8.97 -7.23
N ARG A 106 -15.72 7.66 -7.33
CA ARG A 106 -16.42 6.91 -6.29
C ARG A 106 -15.48 5.97 -5.56
N TYR A 107 -15.56 5.94 -4.23
CA TYR A 107 -14.78 5.01 -3.43
C TYR A 107 -15.67 3.87 -2.89
N ARG A 108 -15.36 2.63 -3.29
N ARG A 108 -15.34 2.65 -3.29
CA ARG A 108 -16.13 1.47 -2.84
CA ARG A 108 -16.05 1.43 -2.89
C ARG A 108 -15.27 0.52 -2.02
C ARG A 108 -15.21 0.65 -1.90
N ASP A 109 -15.86 -0.08 -0.99
CA ASP A 109 -15.13 -0.93 -0.05
C ASP A 109 -16.07 -1.77 0.83
N VAL A 110 -16.28 -3.03 0.44
CA VAL A 110 -17.13 -3.91 1.22
C VAL A 110 -16.67 -4.02 2.68
N ARG A 111 -15.35 -4.07 2.88
CA ARG A 111 -14.79 -4.20 4.23
C ARG A 111 -14.83 -2.88 5.00
N LYS A 112 -15.06 -1.78 4.28
CA LYS A 112 -15.21 -0.49 4.92
C LYS A 112 -13.99 -0.17 5.78
N PHE A 113 -12.81 -0.54 5.26
CA PHE A 113 -11.60 -0.56 6.05
C PHE A 113 -10.61 0.56 5.65
N GLY A 114 -10.86 1.20 4.52
CA GLY A 114 -9.96 2.23 4.02
C GLY A 114 -10.00 3.53 4.83
N THR A 115 -9.06 4.42 4.55
CA THR A 115 -8.97 5.68 5.28
C THR A 115 -8.69 6.85 4.33
N MET A 116 -9.11 8.04 4.70
CA MET A 116 -8.80 9.25 3.96
C MET A 116 -8.38 10.38 4.91
N HIS A 117 -7.28 11.07 4.57
CA HIS A 117 -6.81 12.25 5.30
C HIS A 117 -6.61 13.41 4.31
N VAL A 118 -7.08 14.61 4.66
CA VAL A 118 -6.81 15.80 3.85
C VAL A 118 -6.04 16.86 4.65
N TYR A 119 -4.95 17.35 4.07
CA TYR A 119 -4.16 18.44 4.65
C TYR A 119 -3.78 19.42 3.54
N ALA A 120 -3.37 20.62 3.94
CA ALA A 120 -2.70 21.53 3.00
C ALA A 120 -1.53 20.76 2.40
N LYS A 121 -1.34 20.90 1.09
CA LYS A 121 -0.31 20.12 0.39
C LYS A 121 1.06 20.11 1.08
N GLU A 122 1.49 21.27 1.57
CA GLU A 122 2.81 21.40 2.17
C GLU A 122 2.94 20.69 3.53
N GLU A 123 1.81 20.20 4.03
CA GLU A 123 1.77 19.59 5.35
CA GLU A 123 1.76 19.59 5.35
C GLU A 123 1.60 18.07 5.29
N ALA A 124 1.03 17.58 4.20
CA ALA A 124 0.74 16.15 4.05
C ALA A 124 1.89 15.25 4.48
N ASP A 125 3.09 15.53 3.97
CA ASP A 125 4.24 14.65 4.16
C ASP A 125 4.75 14.58 5.60
N ARG A 126 4.37 15.53 6.45
CA ARG A 126 4.83 15.51 7.83
C ARG A 126 3.69 15.25 8.83
N ARG A 127 2.61 14.69 8.33
CA ARG A 127 1.47 14.34 9.16
C ARG A 127 1.09 12.88 8.89
N PRO A 128 0.35 12.27 9.82
CA PRO A 128 -0.15 10.92 9.54
C PRO A 128 -1.06 10.98 8.33
N PRO A 129 -1.10 9.92 7.51
CA PRO A 129 -0.35 8.68 7.75
C PRO A 129 0.99 8.62 7.01
N LEU A 130 1.37 9.67 6.30
CA LEU A 130 2.59 9.65 5.51
C LEU A 130 3.85 9.90 6.34
N ALA A 131 3.67 10.57 7.46
CA ALA A 131 4.78 10.87 8.35
C ALA A 131 5.48 9.58 8.77
N GLU A 132 6.80 9.55 8.64
CA GLU A 132 7.60 8.40 9.10
C GLU A 132 7.61 7.23 8.12
N LEU A 133 6.79 7.31 7.08
CA LEU A 133 6.77 6.27 6.05
C LEU A 133 8.17 6.06 5.48
N GLY A 134 8.60 4.80 5.41
CA GLY A 134 9.92 4.48 4.88
C GLY A 134 10.03 4.74 3.39
N PRO A 135 11.24 4.54 2.84
CA PRO A 135 11.54 4.81 1.43
C PRO A 135 10.82 3.86 0.48
N GLU A 136 10.60 4.31 -0.76
CA GLU A 136 10.04 3.47 -1.79
C GLU A 136 10.97 2.30 -2.07
N PRO A 137 10.43 1.07 -2.07
CA PRO A 137 11.26 -0.11 -2.28
C PRO A 137 12.00 -0.08 -3.62
N LEU A 138 11.44 0.62 -4.60
CA LEU A 138 12.05 0.71 -5.92
C LEU A 138 12.99 1.90 -6.06
N SER A 139 13.20 2.63 -4.97
CA SER A 139 14.05 3.81 -5.00
C SER A 139 15.42 3.54 -4.39
N PRO A 140 16.44 4.30 -4.82
CA PRO A 140 17.79 4.19 -4.27
C PRO A 140 17.82 4.49 -2.78
N ALA A 141 16.80 5.19 -2.28
CA ALA A 141 16.67 5.47 -0.86
C ALA A 141 16.51 4.18 -0.05
N PHE A 142 15.98 3.15 -0.70
CA PHE A 142 15.92 1.82 -0.09
C PHE A 142 17.10 1.00 -0.59
N SER A 143 18.11 0.86 0.26
CA SER A 143 19.33 0.17 -0.11
C SER A 143 19.64 -0.94 0.90
N PRO A 144 20.54 -1.87 0.52
CA PRO A 144 20.99 -2.91 1.45
C PRO A 144 21.51 -2.28 2.75
N ALA A 145 22.22 -1.16 2.62
CA ALA A 145 22.74 -0.46 3.78
C ALA A 145 21.64 -0.06 4.76
N VAL A 146 20.58 0.55 4.24
CA VAL A 146 19.45 0.97 5.06
C VAL A 146 18.84 -0.24 5.76
N LEU A 147 18.69 -1.33 5.01
CA LEU A 147 18.09 -2.55 5.54
C LEU A 147 18.96 -3.17 6.63
N ALA A 148 20.26 -3.23 6.39
CA ALA A 148 21.20 -3.78 7.36
C ALA A 148 21.17 -2.97 8.66
N GLU A 149 21.10 -1.65 8.53
CA GLU A 149 21.07 -0.76 9.69
C GLU A 149 19.86 -1.05 10.59
N ARG A 150 18.71 -1.30 9.97
CA ARG A 150 17.50 -1.62 10.74
C ARG A 150 17.54 -3.04 11.30
N ALA A 151 18.12 -3.97 10.54
CA ALA A 151 18.19 -5.37 10.96
C ALA A 151 19.02 -5.55 12.23
N VAL A 152 20.20 -4.93 12.26
CA VAL A 152 21.10 -5.08 13.40
C VAL A 152 20.55 -4.45 14.68
N LYS A 153 19.80 -3.38 14.53
CA LYS A 153 19.34 -2.60 15.67
C LYS A 153 18.09 -3.18 16.33
N THR A 154 17.64 -4.35 15.87
CA THR A 154 16.40 -4.92 16.38
C THR A 154 16.54 -6.39 16.79
N LYS A 155 15.60 -6.84 17.61
CA LYS A 155 15.57 -8.22 18.07
C LYS A 155 14.40 -8.99 17.47
N ARG A 156 13.63 -8.33 16.59
CA ARG A 156 12.46 -8.93 15.98
C ARG A 156 12.86 -9.91 14.87
N SER A 157 11.89 -10.70 14.42
CA SER A 157 12.09 -11.61 13.30
C SER A 157 12.26 -10.80 12.03
N VAL A 158 12.90 -11.37 11.02
CA VAL A 158 13.11 -10.67 9.76
C VAL A 158 11.78 -10.29 9.10
N LYS A 159 10.78 -11.16 9.25
CA LYS A 159 9.45 -10.87 8.71
C LYS A 159 8.82 -9.63 9.34
N ALA A 160 8.93 -9.50 10.66
CA ALA A 160 8.40 -8.33 11.35
C ALA A 160 9.11 -7.08 10.86
N LEU A 161 10.41 -7.21 10.62
CA LEU A 161 11.19 -6.08 10.11
C LEU A 161 10.64 -5.59 8.78
N LEU A 162 10.43 -6.52 7.84
CA LEU A 162 9.97 -6.15 6.50
C LEU A 162 8.55 -5.63 6.50
N LEU A 163 7.78 -6.02 7.52
CA LEU A 163 6.38 -5.57 7.64
C LEU A 163 6.28 -4.18 8.24
N ASP A 164 7.40 -3.69 8.79
CA ASP A 164 7.44 -2.37 9.41
C ASP A 164 7.44 -1.29 8.34
N CYS A 165 6.36 -0.50 8.28
CA CYS A 165 6.25 0.56 7.28
C CYS A 165 7.37 1.61 7.34
N THR A 166 8.05 1.74 8.48
CA THR A 166 9.11 2.73 8.60
C THR A 166 10.43 2.25 7.97
N VAL A 167 10.55 0.94 7.79
CA VAL A 167 11.73 0.36 7.16
C VAL A 167 11.68 0.55 5.65
N VAL A 168 10.50 0.26 5.09
CA VAL A 168 10.31 0.33 3.64
C VAL A 168 8.82 0.47 3.40
N ALA A 169 8.44 1.23 2.39
CA ALA A 169 7.04 1.57 2.17
C ALA A 169 6.27 0.50 1.40
N GLY A 170 5.13 0.09 1.94
CA GLY A 170 4.16 -0.69 1.21
C GLY A 170 4.45 -2.17 0.97
N PHE A 171 5.31 -2.76 1.80
CA PHE A 171 5.61 -4.19 1.70
C PHE A 171 4.70 -5.00 2.60
N GLY A 172 3.73 -5.67 2.02
CA GLY A 172 2.75 -6.41 2.79
C GLY A 172 3.09 -7.88 2.98
N ASN A 173 2.14 -8.62 3.56
CA ASN A 173 2.33 -10.01 3.89
C ASN A 173 2.77 -10.88 2.71
N ILE A 174 2.09 -10.71 1.58
CA ILE A 174 2.34 -11.56 0.42
C ILE A 174 3.75 -11.39 -0.13
N TYR A 175 4.17 -10.14 -0.31
CA TYR A 175 5.47 -9.87 -0.91
C TYR A 175 6.62 -10.14 0.07
N VAL A 176 6.34 -10.00 1.36
CA VAL A 176 7.32 -10.35 2.38
C VAL A 176 7.61 -11.86 2.32
N ASP A 177 6.54 -12.67 2.30
CA ASP A 177 6.68 -14.12 2.21
C ASP A 177 7.35 -14.54 0.89
N GLU A 178 6.88 -13.98 -0.21
CA GLU A 178 7.46 -14.30 -1.51
C GLU A 178 8.93 -13.92 -1.58
N SER A 179 9.27 -12.74 -1.07
CA SER A 179 10.66 -12.25 -1.10
C SER A 179 11.58 -13.12 -0.24
N LEU A 180 11.11 -13.52 0.93
CA LEU A 180 11.91 -14.34 1.83
C LEU A 180 12.16 -15.73 1.24
N PHE A 181 11.17 -16.25 0.53
CA PHE A 181 11.36 -17.54 -0.13
C PHE A 181 12.42 -17.41 -1.20
N ARG A 182 12.30 -16.36 -2.01
CA ARG A 182 13.23 -16.13 -3.11
C ARG A 182 14.64 -15.82 -2.61
N ALA A 183 14.73 -15.24 -1.41
CA ALA A 183 16.02 -14.95 -0.79
C ALA A 183 16.57 -16.18 -0.05
N GLY A 184 15.72 -17.18 0.16
CA GLY A 184 16.11 -18.39 0.86
C GLY A 184 16.24 -18.22 2.37
N ILE A 185 15.44 -17.31 2.92
CA ILE A 185 15.51 -16.96 4.34
C ILE A 185 14.22 -17.30 5.08
N LEU A 186 14.33 -18.06 6.16
CA LEU A 186 13.17 -18.37 7.00
C LEU A 186 12.58 -17.10 7.61
N PRO A 187 11.25 -16.96 7.54
CA PRO A 187 10.59 -15.74 8.02
C PRO A 187 10.80 -15.52 9.51
N GLY A 188 10.96 -16.61 10.28
CA GLY A 188 11.10 -16.51 11.72
C GLY A 188 12.50 -16.20 12.21
N ARG A 189 13.45 -16.13 11.29
CA ARG A 189 14.82 -15.76 11.63
C ARG A 189 14.86 -14.39 12.30
N PRO A 190 15.64 -14.25 13.38
CA PRO A 190 15.84 -12.91 13.94
C PRO A 190 16.52 -12.03 12.89
N ALA A 191 16.08 -10.78 12.75
CA ALA A 191 16.65 -9.87 11.77
C ALA A 191 18.15 -9.69 11.96
N ALA A 192 18.58 -9.67 13.21
CA ALA A 192 19.99 -9.46 13.53
C ALA A 192 20.83 -10.68 13.17
N SER A 193 20.18 -11.81 12.93
CA SER A 193 20.89 -13.05 12.64
C SER A 193 21.28 -13.13 11.16
N LEU A 194 20.73 -12.23 10.35
CA LEU A 194 21.04 -12.21 8.92
C LEU A 194 22.46 -11.73 8.65
N SER A 195 23.21 -12.54 7.90
CA SER A 195 24.54 -12.13 7.46
C SER A 195 24.43 -10.97 6.47
N SER A 196 25.56 -10.33 6.18
CA SER A 196 25.61 -9.27 5.19
C SER A 196 25.20 -9.80 3.81
N LYS A 197 25.56 -11.05 3.55
CA LYS A 197 25.20 -11.70 2.28
C LYS A 197 23.70 -11.93 2.18
N GLU A 198 23.08 -12.30 3.30
CA GLU A 198 21.64 -12.54 3.34
C GLU A 198 20.87 -11.22 3.17
N ILE A 199 21.37 -10.15 3.78
CA ILE A 199 20.76 -8.83 3.67
C ILE A 199 20.78 -8.36 2.21
N GLU A 200 21.93 -8.51 1.56
CA GLU A 200 22.09 -8.12 0.17
C GLU A 200 21.12 -8.91 -0.72
N ARG A 201 21.06 -10.22 -0.51
CA ARG A 201 20.19 -11.08 -1.29
C ARG A 201 18.72 -10.72 -1.07
N LEU A 202 18.36 -10.48 0.18
CA LEU A 202 16.98 -10.13 0.52
C LEU A 202 16.56 -8.82 -0.16
N HIS A 203 17.43 -7.81 -0.09
CA HIS A 203 17.13 -6.55 -0.75
C HIS A 203 16.90 -6.76 -2.24
N GLU A 204 17.79 -7.54 -2.86
CA GLU A 204 17.69 -7.82 -4.28
C GLU A 204 16.37 -8.49 -4.66
N GLU A 205 15.96 -9.46 -3.85
CA GLU A 205 14.72 -10.18 -4.13
C GLU A 205 13.48 -9.32 -3.85
N MET A 206 13.55 -8.50 -2.79
CA MET A 206 12.49 -7.57 -2.48
C MET A 206 12.20 -6.66 -3.68
N VAL A 207 13.25 -6.05 -4.20
CA VAL A 207 13.13 -5.16 -5.36
C VAL A 207 12.60 -5.91 -6.58
N ALA A 208 13.14 -7.10 -6.83
CA ALA A 208 12.74 -7.90 -7.98
C ALA A 208 11.27 -8.30 -7.89
N THR A 209 10.88 -8.76 -6.71
CA THR A 209 9.49 -9.18 -6.48
C THR A 209 8.54 -8.03 -6.74
N ILE A 210 8.77 -6.91 -6.07
CA ILE A 210 7.88 -5.76 -6.22
C ILE A 210 8.02 -5.17 -7.62
N GLY A 211 9.25 -5.17 -8.15
CA GLY A 211 9.56 -4.59 -9.44
C GLY A 211 8.93 -5.33 -10.61
N GLU A 212 8.96 -6.66 -10.55
CA GLU A 212 8.34 -7.49 -11.57
C GLU A 212 6.82 -7.32 -11.58
N ALA A 213 6.24 -7.22 -10.40
CA ALA A 213 4.79 -7.12 -10.26
C ALA A 213 4.24 -5.80 -10.81
N VAL A 214 5.00 -4.72 -10.64
CA VAL A 214 4.55 -3.42 -11.11
C VAL A 214 4.56 -3.34 -12.63
N MET A 215 5.36 -4.19 -13.26
CA MET A 215 5.45 -4.22 -14.72
C MET A 215 4.31 -5.02 -15.35
N HIS A 237 2.68 -15.62 -10.74
CA HIS A 237 2.63 -16.87 -9.98
C HIS A 237 3.35 -16.74 -8.64
N LEU A 238 2.76 -17.33 -7.61
CA LEU A 238 3.34 -17.30 -6.28
C LEU A 238 4.12 -18.57 -5.98
N TYR A 239 5.15 -18.45 -5.17
CA TYR A 239 5.95 -19.61 -4.76
C TYR A 239 5.40 -20.24 -3.48
N VAL A 240 5.00 -19.41 -2.53
CA VAL A 240 4.64 -19.91 -1.20
C VAL A 240 3.30 -19.41 -0.68
N TYR A 241 2.98 -18.14 -0.94
CA TYR A 241 1.79 -17.56 -0.32
C TYR A 241 0.52 -18.33 -0.68
N GLY A 242 -0.19 -18.79 0.35
CA GLY A 242 -1.43 -19.52 0.16
C GLY A 242 -1.27 -20.92 -0.41
N ARG A 243 -0.04 -21.40 -0.54
CA ARG A 243 0.21 -22.69 -1.17
C ARG A 243 0.52 -23.81 -0.18
N GLN A 244 0.20 -23.62 1.09
CA GLN A 244 0.44 -24.64 2.11
C GLN A 244 -0.18 -25.98 1.73
N GLY A 245 0.55 -27.06 1.98
CA GLY A 245 0.11 -28.40 1.61
C GLY A 245 0.53 -28.78 0.20
N ASN A 246 0.83 -27.79 -0.62
CA ASN A 246 1.23 -28.01 -2.00
C ASN A 246 2.76 -28.08 -2.13
N PRO A 247 3.25 -28.79 -3.15
CA PRO A 247 4.69 -28.93 -3.36
C PRO A 247 5.38 -27.62 -3.73
N CYS A 248 6.56 -27.40 -3.17
CA CYS A 248 7.37 -26.25 -3.55
C CYS A 248 7.70 -26.34 -5.02
N LYS A 249 7.59 -25.21 -5.72
CA LYS A 249 7.86 -25.17 -7.15
C LYS A 249 9.34 -25.34 -7.48
N ARG A 250 10.19 -25.21 -6.47
N ARG A 250 10.18 -25.21 -6.46
CA ARG A 250 11.63 -25.34 -6.70
CA ARG A 250 11.62 -25.32 -6.64
C ARG A 250 12.23 -26.66 -6.19
C ARG A 250 12.17 -26.68 -6.24
N CYS A 251 11.66 -27.23 -5.14
CA CYS A 251 12.19 -28.49 -4.60
C CYS A 251 11.13 -29.57 -4.35
N GLY A 252 9.86 -29.21 -4.48
CA GLY A 252 8.79 -30.18 -4.34
C GLY A 252 8.39 -30.53 -2.91
N THR A 253 9.11 -30.00 -1.93
CA THR A 253 8.75 -30.15 -0.53
C THR A 253 7.44 -29.43 -0.24
N PRO A 254 6.54 -30.05 0.53
CA PRO A 254 5.26 -29.38 0.82
C PRO A 254 5.46 -28.02 1.48
N ILE A 255 4.80 -27.00 0.96
CA ILE A 255 4.86 -25.69 1.59
C ILE A 255 4.15 -25.76 2.94
N GLU A 256 4.71 -25.10 3.93
CA GLU A 256 4.10 -25.07 5.25
C GLU A 256 3.61 -23.68 5.63
N LYS A 257 2.66 -23.65 6.56
CA LYS A 257 2.11 -22.40 7.05
C LYS A 257 2.08 -22.38 8.57
N THR A 258 2.66 -21.33 9.15
CA THR A 258 2.61 -21.11 10.59
C THR A 258 2.25 -19.67 10.88
N VAL A 259 2.45 -19.24 12.11
CA VAL A 259 2.23 -17.84 12.48
C VAL A 259 3.55 -17.18 12.86
N VAL A 260 3.87 -16.08 12.18
CA VAL A 260 5.06 -15.29 12.48
C VAL A 260 4.69 -13.82 12.48
N ALA A 261 5.09 -13.09 13.51
CA ALA A 261 4.74 -11.68 13.65
C ALA A 261 3.23 -11.50 13.63
N GLY A 262 2.51 -12.44 14.25
CA GLY A 262 1.07 -12.40 14.32
C GLY A 262 0.39 -12.43 12.97
N ARG A 263 0.99 -13.15 12.02
CA ARG A 263 0.47 -13.21 10.66
C ARG A 263 0.55 -14.62 10.07
N GLY A 264 -0.28 -14.89 9.08
CA GLY A 264 -0.19 -16.12 8.32
C GLY A 264 1.11 -16.14 7.54
N THR A 265 1.96 -17.13 7.81
CA THR A 265 3.30 -17.17 7.21
C THR A 265 3.58 -18.47 6.46
N HIS A 266 3.93 -18.31 5.18
CA HIS A 266 4.13 -19.44 4.27
C HIS A 266 5.59 -19.54 3.89
N TYR A 267 6.12 -20.75 3.88
CA TYR A 267 7.53 -20.95 3.61
C TYR A 267 7.82 -22.40 3.24
N CYS A 268 8.91 -22.61 2.51
CA CYS A 268 9.42 -23.94 2.26
C CYS A 268 10.56 -24.21 3.24
N PRO A 269 10.39 -25.24 4.09
CA PRO A 269 11.36 -25.57 5.14
C PRO A 269 12.65 -26.14 4.58
N ARG A 270 12.70 -26.39 3.27
CA ARG A 270 13.93 -26.84 2.65
C ARG A 270 14.68 -25.71 1.96
N CYS A 271 13.98 -24.96 1.12
CA CYS A 271 14.59 -23.84 0.39
C CYS A 271 15.01 -22.69 1.30
N GLN A 272 14.29 -22.51 2.40
CA GLN A 272 14.56 -21.41 3.30
C GLN A 272 15.22 -21.88 4.58
N ARG A 273 16.25 -21.15 5.02
CA ARG A 273 17.04 -21.53 6.18
C ARG A 273 17.21 -20.34 7.13
P 8OG C 9 -4.81 -12.72 3.21
P 8OG C 9 -3.23 -12.97 6.60
OP1 8OG C 9 -5.44 -12.71 1.87
OP1 8OG C 9 -3.86 -13.83 5.57
OP2 8OG C 9 -4.04 -13.90 3.65
OP2 8OG C 9 -1.78 -13.07 6.85
O5' 8OG C 9 -3.86 -11.41 3.33
O5' 8OG C 9 -3.54 -11.42 6.25
C5' 8OG C 9 -3.66 -10.72 4.56
C5' 8OG C 9 -3.06 -10.84 5.03
C4' 8OG C 9 -4.14 -9.28 4.45
C4' 8OG C 9 -3.84 -9.57 4.67
O4' 8OG C 9 -5.38 -9.14 5.18
O4' 8OG C 9 -5.08 -9.56 5.41
C3' 8OG C 9 -3.20 -8.21 5.00
C3' 8OG C 9 -3.17 -8.25 5.03
O3' 8OG C 9 -2.29 -7.80 3.99
O3' 8OG C 9 -2.30 -7.80 4.01
C2' 8OG C 9 -4.17 -7.09 5.34
C2' 8OG C 9 -4.37 -7.32 5.16
C1' 8OG C 9 -5.44 -7.83 5.75
C1' 8OG C 9 -5.45 -8.23 5.72
N9 8OG C 9 -5.62 -7.97 7.20
N9 8OG C 9 -5.66 -8.10 7.16
C8 8OG C 9 -4.67 -8.33 8.12
C8 8OG C 9 -4.71 -8.27 8.15
N7 8OG C 9 -5.23 -8.33 9.31
N7 8OG C 9 -5.28 -8.07 9.31
C5 8OG C 9 -6.56 -7.95 9.18
C5 8OG C 9 -6.61 -7.74 9.11
C6 8OG C 9 -7.58 -7.80 10.14
C6 8OG C 9 -7.65 -7.42 10.02
O6 8OG C 9 -7.54 -7.96 11.37
O6 8OG C 9 -7.61 -7.36 11.25
N1 8OG C 9 -8.78 -7.40 9.53
N1 8OG C 9 -8.85 -7.17 9.35
C2 8OG C 9 -8.95 -7.18 8.18
C2 8OG C 9 -9.00 -7.21 7.97
N2 8OG C 9 -10.17 -6.81 7.77
N2 8OG C 9 -10.23 -6.93 7.49
N3 8OG C 9 -7.98 -7.34 7.29
N3 8OG C 9 -8.02 -7.50 7.13
C4 8OG C 9 -6.81 -7.73 7.85
C4 8OG C 9 -6.85 -7.76 7.76
O8 8OG C 9 -3.51 -8.61 7.86
O8 8OG C 9 -3.53 -8.58 7.95
P CX2 C 12 0.54 4.72 9.46
S CX2 C 12 5.19 4.14 8.70
N1 CX2 C 12 -1.97 2.77 13.30
C2 CX2 C 12 -2.62 1.87 14.15
O2 CX2 C 12 -3.76 2.12 14.54
N3 CX2 C 12 -1.97 0.70 14.55
C4 CX2 C 12 -0.68 0.43 14.09
N4 CX2 C 12 -0.06 -0.69 14.47
C5 CX2 C 12 -0.03 1.32 13.25
C6 CX2 C 12 -0.67 2.49 12.85
C1' CX2 C 12 -2.65 4.01 12.87
C2' CX2 C 12 -2.24 5.16 13.79
C3' CX2 C 12 -1.77 6.27 12.85
O3' CX2 C 12 -2.39 7.50 13.21
C4' CX2 C 12 -2.30 5.80 11.50
N4' CX2 C 12 1.70 5.39 8.57
O4' CX2 C 12 -2.16 4.37 11.57
C5' CX2 C 12 -1.38 6.29 10.38
O5' CX2 C 12 -0.10 5.72 10.56
C7' CX2 C 12 2.97 5.72 9.22
C8' CX2 C 12 4.12 5.53 8.24
OP1 CX2 C 12 1.23 3.70 10.29
ZN ZN D . 11.52 -25.57 -1.68
#